data_3L6G
#
_entry.id   3L6G
#
_cell.length_a   68.131
_cell.length_b   68.131
_cell.length_c   109.143
_cell.angle_alpha   90.000
_cell.angle_beta   90.000
_cell.angle_gamma   90.000
#
_symmetry.space_group_name_H-M   'P 41 21 2'
#
loop_
_entity.id
_entity.type
_entity.pdbx_description
1 polymer 'Betaine ABC transporter permease and substrate binding protein'
2 non-polymer 2-[3-(2-HYDROXY-1,1-DIHYDROXYMETHYL-ETHYLAMINO)-PROPYLAMINO]-2-HYDROXYMETHYL-PROPANE-1,3-DIOL
3 water water
#
_entity_poly.entity_id   1
_entity_poly.type   'polypeptide(L)'
_entity_poly.pdbx_seq_one_letter_code
;DKKVDLVYMNWDSEVASINVLTQAMKEHGFDVKTTALDNAVAWQTVANGQADGMVSAWLPNTHKTQWQKYGKSVDLLGPN
LKGAKVGFVVPSYMNVNSIEDLTNQANKTITGIEPGAGVMAASEKTLNSYDNLKDWKLVPSSSGAMTVALGEAIKQHKDI
VITGWSPHWMFNKYDLKYLADPKGTMGTSENINTIVRKGLKKENPEAYKVLDKFNWTTKDMEAVMLDIQNGKTPEEAAKN
WIKDHQKEVDKWFKGS
;
_entity_poly.pdbx_strand_id   A
#
# COMPACT_ATOMS: atom_id res chain seq x y z
N ASP A 1 -21.82 22.72 7.54
CA ASP A 1 -21.01 23.24 6.45
C ASP A 1 -19.57 22.68 6.49
N LYS A 2 -19.48 21.36 6.63
CA LYS A 2 -18.19 20.69 6.67
C LYS A 2 -17.75 20.33 5.27
N LYS A 3 -16.49 20.60 4.93
CA LYS A 3 -16.01 20.21 3.60
C LYS A 3 -14.56 19.79 3.61
N VAL A 4 -14.15 19.10 2.54
CA VAL A 4 -12.74 18.65 2.43
C VAL A 4 -12.42 18.33 0.97
N ASP A 5 -11.21 18.68 0.52
CA ASP A 5 -10.75 18.54 -0.87
C ASP A 5 -9.53 17.61 -0.81
N LEU A 6 -9.68 16.38 -1.25
CA LEU A 6 -8.59 15.38 -1.11
C LEU A 6 -8.09 14.96 -2.51
N VAL A 7 -6.80 14.64 -2.61
CA VAL A 7 -6.22 14.17 -3.87
C VAL A 7 -5.54 12.84 -3.59
N TYR A 8 -5.44 11.97 -4.60
CA TYR A 8 -4.71 10.73 -4.41
C TYR A 8 -4.11 10.36 -5.74
N MET A 9 -3.30 9.30 -5.76
N MET A 9 -3.27 9.32 -5.77
CA MET A 9 -2.78 8.74 -7.01
CA MET A 9 -2.78 8.78 -7.03
C MET A 9 -3.47 7.42 -7.30
C MET A 9 -3.45 7.43 -7.30
N ASN A 10 -3.59 7.10 -8.57
CA ASN A 10 -4.45 5.98 -8.99
C ASN A 10 -3.76 4.60 -8.85
N TRP A 11 -3.42 4.22 -7.62
CA TRP A 11 -2.88 2.88 -7.30
C TRP A 11 -3.97 2.09 -6.57
N ASP A 12 -3.96 0.76 -6.67
CA ASP A 12 -5.04 -0.03 -6.01
C ASP A 12 -5.12 0.20 -4.47
N SER A 13 -3.98 0.40 -3.81
CA SER A 13 -3.96 0.73 -2.38
C SER A 13 -4.73 2.01 -2.09
N GLU A 14 -4.43 3.06 -2.86
CA GLU A 14 -5.01 4.37 -2.65
C GLU A 14 -6.48 4.40 -3.04
N VAL A 15 -6.86 3.67 -4.08
CA VAL A 15 -8.30 3.61 -4.44
C VAL A 15 -9.07 3.03 -3.24
N ALA A 16 -8.48 2.03 -2.58
CA ALA A 16 -9.13 1.47 -1.35
C ALA A 16 -9.25 2.50 -0.23
N SER A 17 -8.13 3.13 0.14
CA SER A 17 -8.17 4.05 1.30
C SER A 17 -9.02 5.27 1.00
N ILE A 18 -8.91 5.80 -0.22
CA ILE A 18 -9.61 7.09 -0.50
C ILE A 18 -11.13 6.88 -0.54
N ASN A 19 -11.58 5.69 -0.95
CA ASN A 19 -13.04 5.42 -0.95
C ASN A 19 -13.58 5.16 0.47
N VAL A 20 -12.83 4.45 1.31
CA VAL A 20 -13.20 4.32 2.73
C VAL A 20 -13.25 5.69 3.40
N LEU A 21 -12.22 6.51 3.24
CA LEU A 21 -12.24 7.82 3.92
C LEU A 21 -13.39 8.69 3.33
N THR A 22 -13.54 8.68 2.00
CA THR A 22 -14.61 9.47 1.40
C THR A 22 -16.00 9.05 1.92
N GLN A 23 -16.24 7.75 1.95
CA GLN A 23 -17.58 7.29 2.35
C GLN A 23 -17.80 7.59 3.85
N ALA A 24 -16.75 7.41 4.65
CA ALA A 24 -16.81 7.73 6.09
C ALA A 24 -17.12 9.21 6.31
N MET A 25 -16.42 10.11 5.61
CA MET A 25 -16.60 11.56 5.82
C MET A 25 -17.98 12.00 5.30
N LYS A 26 -18.42 11.45 4.16
CA LYS A 26 -19.80 11.71 3.72
C LYS A 26 -20.82 11.29 4.76
N GLU A 27 -20.57 10.15 5.40
CA GLU A 27 -21.55 9.62 6.34
C GLU A 27 -21.61 10.53 7.58
N HIS A 28 -20.51 11.18 7.87
CA HIS A 28 -20.47 12.17 8.96
C HIS A 28 -20.72 13.61 8.51
N GLY A 29 -21.30 13.81 7.34
CA GLY A 29 -21.83 15.11 6.94
C GLY A 29 -20.89 16.04 6.18
N PHE A 30 -19.72 15.56 5.75
CA PHE A 30 -18.83 16.35 4.91
C PHE A 30 -19.24 16.36 3.43
N ASP A 31 -19.06 17.52 2.80
CA ASP A 31 -19.03 17.65 1.34
C ASP A 31 -17.60 17.31 0.91
N VAL A 32 -17.42 16.16 0.26
CA VAL A 32 -16.08 15.64 -0.06
C VAL A 32 -15.85 15.73 -1.57
N LYS A 33 -14.76 16.37 -1.97
CA LYS A 33 -14.29 16.36 -3.34
C LYS A 33 -13.02 15.50 -3.34
N THR A 34 -12.90 14.55 -4.25
CA THR A 34 -11.67 13.74 -4.36
C THR A 34 -11.28 13.62 -5.84
N THR A 35 -10.00 13.72 -6.13
CA THR A 35 -9.54 13.71 -7.50
C THR A 35 -8.23 12.95 -7.58
N ALA A 36 -8.13 12.08 -8.56
CA ALA A 36 -6.87 11.37 -8.78
C ALA A 36 -5.98 12.22 -9.66
N LEU A 37 -4.69 12.30 -9.29
CA LEU A 37 -3.69 13.04 -10.05
C LEU A 37 -2.38 12.26 -10.10
N ASP A 38 -1.47 12.65 -11.02
CA ASP A 38 -0.14 12.03 -11.05
C ASP A 38 0.49 12.29 -9.67
N ASN A 39 1.39 11.44 -9.26
CA ASN A 39 2.01 11.56 -7.95
C ASN A 39 2.66 12.95 -7.66
N ALA A 40 3.52 13.44 -8.54
CA ALA A 40 4.16 14.75 -8.32
C ALA A 40 3.13 15.91 -8.32
N VAL A 41 2.12 15.78 -9.16
CA VAL A 41 1.09 16.77 -9.23
C VAL A 41 0.28 16.78 -7.91
N ALA A 42 -0.09 15.61 -7.41
CA ALA A 42 -0.85 15.56 -6.17
C ALA A 42 -0.07 16.23 -5.02
N TRP A 43 1.22 15.96 -4.95
CA TRP A 43 2.04 16.52 -3.84
C TRP A 43 2.07 18.05 -3.95
N GLN A 44 2.20 18.55 -5.19
CA GLN A 44 2.34 19.99 -5.34
C GLN A 44 1.05 20.68 -4.98
N THR A 45 -0.11 20.06 -5.30
CA THR A 45 -1.38 20.71 -4.95
C THR A 45 -1.53 20.86 -3.46
N VAL A 46 -1.05 19.88 -2.70
CA VAL A 46 -1.14 19.97 -1.23
C VAL A 46 -0.10 21.01 -0.73
N ALA A 47 1.11 20.98 -1.30
CA ALA A 47 2.21 21.90 -0.87
C ALA A 47 1.81 23.36 -1.11
N ASN A 48 1.02 23.60 -2.16
CA ASN A 48 0.60 25.00 -2.53
C ASN A 48 -0.77 25.39 -2.01
N GLY A 49 -1.43 24.44 -1.35
CA GLY A 49 -2.72 24.68 -0.74
C GLY A 49 -3.90 24.60 -1.68
N GLN A 50 -3.68 24.08 -2.89
N GLN A 50 -3.69 24.07 -2.88
CA GLN A 50 -4.74 23.88 -3.89
CA GLN A 50 -4.78 23.94 -3.84
C GLN A 50 -5.71 22.80 -3.43
C GLN A 50 -5.71 22.77 -3.46
N ALA A 51 -5.19 21.84 -2.66
CA ALA A 51 -5.97 20.74 -2.10
C ALA A 51 -5.69 20.69 -0.56
N ASP A 52 -6.60 20.12 0.20
CA ASP A 52 -6.46 20.08 1.66
C ASP A 52 -5.46 19.04 2.13
N GLY A 53 -5.39 17.90 1.45
CA GLY A 53 -4.47 16.84 1.88
C GLY A 53 -4.50 15.59 1.05
N MET A 54 -3.75 14.60 1.49
CA MET A 54 -3.72 13.29 0.84
C MET A 54 -3.39 12.30 1.91
N VAL A 55 -3.83 11.06 1.75
CA VAL A 55 -3.59 10.05 2.75
C VAL A 55 -2.67 9.04 2.08
N SER A 56 -1.92 9.49 1.06
CA SER A 56 -1.17 8.53 0.21
C SER A 56 0.35 8.78 0.19
N ALA A 57 0.86 9.37 1.26
CA ALA A 57 2.30 9.66 1.36
C ALA A 57 3.12 8.47 1.85
N TRP A 58 3.84 7.81 0.93
CA TRP A 58 4.54 6.57 1.28
C TRP A 58 6.00 6.91 1.69
N LEU A 59 6.34 6.69 2.95
CA LEU A 59 7.63 7.19 3.49
C LEU A 59 8.35 6.11 4.29
N PRO A 60 9.70 6.11 4.30
CA PRO A 60 10.58 7.17 3.78
C PRO A 60 11.06 6.99 2.36
N ASN A 61 10.96 5.80 1.77
CA ASN A 61 11.61 5.57 0.47
C ASN A 61 10.79 5.85 -0.80
N THR A 62 9.58 5.30 -0.88
N THR A 62 9.56 5.35 -0.82
CA THR A 62 8.83 5.37 -2.14
CA THR A 62 8.79 5.35 -2.07
C THR A 62 8.65 6.81 -2.60
C THR A 62 8.55 6.76 -2.61
N HIS A 63 8.21 7.68 -1.70
CA HIS A 63 8.06 9.11 -2.05
C HIS A 63 9.25 9.99 -1.56
N LYS A 64 10.44 9.41 -1.47
CA LYS A 64 11.62 10.17 -0.99
C LYS A 64 11.79 11.47 -1.77
N THR A 65 11.70 11.39 -3.10
CA THR A 65 11.95 12.57 -3.91
C THR A 65 10.92 13.66 -3.60
N GLN A 66 9.64 13.29 -3.57
CA GLN A 66 8.62 14.28 -3.30
C GLN A 66 8.77 14.88 -1.88
N TRP A 67 9.09 14.03 -0.90
CA TRP A 67 9.26 14.51 0.48
C TRP A 67 10.45 15.51 0.51
N GLN A 68 11.50 15.26 -0.29
CA GLN A 68 12.64 16.20 -0.32
C GLN A 68 12.24 17.57 -0.89
N LYS A 69 11.46 17.55 -1.99
CA LYS A 69 10.95 18.79 -2.60
C LYS A 69 9.91 19.54 -1.79
N TYR A 70 8.96 18.83 -1.19
CA TYR A 70 7.75 19.48 -0.64
C TYR A 70 7.56 19.31 0.87
N GLY A 71 8.35 18.46 1.50
CA GLY A 71 8.08 18.07 2.91
C GLY A 71 8.03 19.25 3.85
N LYS A 72 8.95 20.20 3.68
CA LYS A 72 9.03 21.30 4.59
C LYS A 72 7.83 22.26 4.31
N SER A 73 7.14 22.08 3.18
CA SER A 73 6.01 22.95 2.82
C SER A 73 4.62 22.36 3.14
N VAL A 74 4.58 21.22 3.81
CA VAL A 74 3.31 20.59 4.17
C VAL A 74 3.36 20.18 5.66
N ASP A 75 2.23 19.81 6.23
CA ASP A 75 2.22 19.32 7.61
C ASP A 75 2.07 17.79 7.53
N LEU A 76 3.13 17.05 7.93
CA LEU A 76 3.00 15.56 7.97
C LEU A 76 2.33 15.18 9.29
N LEU A 77 1.12 14.66 9.23
CA LEU A 77 0.35 14.44 10.45
C LEU A 77 0.83 13.13 11.11
N GLY A 78 1.17 12.13 10.29
CA GLY A 78 1.63 10.86 10.82
C GLY A 78 1.12 9.70 9.97
N PRO A 79 1.44 8.47 10.39
CA PRO A 79 1.11 7.27 9.62
C PRO A 79 -0.39 6.97 9.73
N ASN A 80 -1.03 6.65 8.62
CA ASN A 80 -2.37 6.08 8.65
C ASN A 80 -2.40 4.56 8.46
N LEU A 81 -1.28 4.00 8.00
CA LEU A 81 -1.13 2.55 7.84
C LEU A 81 0.33 2.16 7.99
N LYS A 82 0.59 1.20 8.90
CA LYS A 82 1.98 0.86 9.22
C LYS A 82 2.34 -0.50 8.60
N GLY A 83 3.55 -0.62 8.07
CA GLY A 83 4.11 -1.95 7.80
C GLY A 83 4.05 -2.40 6.35
N ALA A 84 3.88 -1.46 5.42
CA ALA A 84 3.99 -1.80 4.00
C ALA A 84 5.40 -2.34 3.78
N LYS A 85 5.55 -3.34 2.94
CA LYS A 85 6.89 -3.92 2.71
C LYS A 85 6.96 -4.64 1.36
N VAL A 86 8.15 -5.14 1.00
CA VAL A 86 8.30 -6.04 -0.14
C VAL A 86 9.17 -7.23 0.29
N GLY A 87 9.14 -8.33 -0.47
CA GLY A 87 10.00 -9.45 -0.13
C GLY A 87 9.74 -10.64 -1.05
N PHE A 88 10.45 -11.76 -0.81
CA PHE A 88 10.16 -13.01 -1.48
C PHE A 88 8.99 -13.63 -0.71
N VAL A 89 7.98 -14.09 -1.44
CA VAL A 89 6.79 -14.69 -0.84
C VAL A 89 6.56 -16.10 -1.40
N VAL A 90 6.07 -17.01 -0.54
CA VAL A 90 5.77 -18.38 -0.97
C VAL A 90 4.39 -18.79 -0.44
N PRO A 91 3.72 -19.74 -1.10
CA PRO A 91 2.54 -20.32 -0.42
C PRO A 91 2.90 -20.92 0.96
N SER A 92 1.97 -20.85 1.89
CA SER A 92 2.29 -21.27 3.24
C SER A 92 2.57 -22.76 3.32
N TYR A 93 2.03 -23.53 2.38
CA TYR A 93 2.34 -24.97 2.33
C TYR A 93 3.78 -25.31 2.01
N MET A 94 4.59 -24.37 1.55
CA MET A 94 6.02 -24.67 1.30
C MET A 94 6.77 -24.60 2.63
N ASN A 95 7.65 -25.56 2.89
CA ASN A 95 8.37 -25.61 4.16
C ASN A 95 9.33 -24.46 4.45
N VAL A 96 10.00 -23.96 3.41
CA VAL A 96 11.08 -22.99 3.59
C VAL A 96 10.56 -21.73 4.28
N ASN A 97 11.39 -21.13 5.12
CA ASN A 97 10.96 -20.01 5.92
C ASN A 97 11.88 -18.82 5.81
N SER A 98 13.06 -19.03 5.27
CA SER A 98 14.03 -17.97 5.15
C SER A 98 14.71 -18.00 3.78
N ILE A 99 15.11 -16.83 3.30
CA ILE A 99 15.72 -16.74 1.97
C ILE A 99 17.02 -17.60 1.94
N GLU A 100 17.71 -17.71 3.07
CA GLU A 100 19.00 -18.43 3.14
C GLU A 100 18.79 -19.93 3.09
N ASP A 101 17.55 -20.34 3.25
CA ASP A 101 17.20 -21.76 3.19
C ASP A 101 16.76 -22.24 1.78
N LEU A 102 16.61 -21.33 0.81
CA LEU A 102 16.28 -21.78 -0.54
C LEU A 102 17.44 -22.58 -1.11
N THR A 103 17.13 -23.61 -1.88
CA THR A 103 18.17 -24.41 -2.53
C THR A 103 17.73 -24.71 -3.96
N ASN A 104 16.79 -25.63 -4.11
CA ASN A 104 16.40 -26.09 -5.45
C ASN A 104 14.91 -26.00 -5.72
N GLN A 105 14.14 -25.42 -4.81
CA GLN A 105 12.68 -25.32 -4.99
C GLN A 105 12.34 -24.50 -6.24
N ALA A 106 11.14 -24.74 -6.78
CA ALA A 106 10.57 -23.80 -7.75
C ALA A 106 11.46 -23.59 -8.96
N ASN A 107 12.21 -24.62 -9.33
CA ASN A 107 13.06 -24.53 -10.52
C ASN A 107 14.10 -23.39 -10.43
N LYS A 108 14.49 -23.06 -9.18
CA LYS A 108 15.43 -21.98 -8.92
C LYS A 108 15.07 -20.70 -9.65
N THR A 109 13.78 -20.38 -9.64
CA THR A 109 13.31 -19.16 -10.32
C THR A 109 12.60 -18.26 -9.34
N ILE A 110 12.82 -16.94 -9.47
CA ILE A 110 12.02 -15.99 -8.74
C ILE A 110 11.06 -15.40 -9.76
N THR A 111 9.79 -15.57 -9.50
CA THR A 111 8.76 -15.13 -10.42
C THR A 111 8.49 -13.63 -10.14
N GLY A 112 9.02 -12.75 -10.98
CA GLY A 112 8.88 -11.32 -10.73
C GLY A 112 7.80 -10.60 -11.53
N ILE A 113 7.84 -9.26 -11.53
CA ILE A 113 6.82 -8.45 -12.17
C ILE A 113 7.53 -7.51 -13.19
N GLU A 114 7.04 -6.27 -13.35
CA GLU A 114 7.61 -5.38 -14.38
C GLU A 114 9.10 -5.15 -14.08
N PRO A 115 9.98 -5.23 -15.11
CA PRO A 115 11.44 -5.15 -14.94
C PRO A 115 11.87 -3.88 -14.23
N GLY A 116 11.11 -2.81 -14.39
CA GLY A 116 11.49 -1.54 -13.78
C GLY A 116 11.10 -1.31 -12.32
N ALA A 117 10.51 -2.31 -11.68
CA ALA A 117 9.85 -2.13 -10.37
C ALA A 117 10.84 -2.17 -9.22
N GLY A 118 10.57 -1.41 -8.17
CA GLY A 118 11.47 -1.33 -7.03
C GLY A 118 11.73 -2.70 -6.40
N VAL A 119 10.72 -3.54 -6.32
CA VAL A 119 10.93 -4.83 -5.71
C VAL A 119 11.90 -5.63 -6.60
N MET A 120 11.94 -5.32 -7.89
CA MET A 120 12.80 -6.06 -8.78
C MET A 120 14.28 -5.67 -8.58
N ALA A 121 14.57 -4.39 -8.35
CA ALA A 121 15.94 -3.99 -7.99
C ALA A 121 16.41 -4.70 -6.71
N ALA A 122 15.54 -4.71 -5.70
CA ALA A 122 15.86 -5.35 -4.42
C ALA A 122 16.08 -6.86 -4.61
N SER A 123 15.25 -7.48 -5.45
CA SER A 123 15.37 -8.91 -5.76
C SER A 123 16.74 -9.22 -6.43
N GLU A 124 17.14 -8.39 -7.39
CA GLU A 124 18.46 -8.52 -8.02
C GLU A 124 19.60 -8.44 -6.98
N LYS A 125 19.52 -7.43 -6.12
CA LYS A 125 20.52 -7.30 -5.07
C LYS A 125 20.52 -8.55 -4.21
N THR A 126 19.33 -9.04 -3.91
CA THR A 126 19.16 -10.19 -3.03
C THR A 126 19.82 -11.43 -3.67
N LEU A 127 19.66 -11.60 -4.97
CA LEU A 127 20.19 -12.80 -5.66
C LEU A 127 21.71 -12.73 -5.73
N ASN A 128 22.25 -11.52 -5.73
CA ASN A 128 23.70 -11.34 -5.73
C ASN A 128 24.27 -11.21 -4.32
N SER A 129 23.46 -11.40 -3.27
CA SER A 129 23.98 -11.29 -1.90
C SER A 129 23.92 -12.57 -1.11
N TYR A 130 23.03 -13.48 -1.49
CA TYR A 130 22.87 -14.69 -0.74
C TYR A 130 23.56 -15.79 -1.52
N ASP A 131 24.47 -16.50 -0.86
CA ASP A 131 25.35 -17.47 -1.52
C ASP A 131 24.56 -18.59 -2.15
N ASN A 132 23.55 -19.03 -1.44
CA ASN A 132 22.72 -20.13 -1.88
C ASN A 132 21.91 -19.80 -3.14
N LEU A 133 21.82 -18.52 -3.49
CA LEU A 133 21.02 -18.08 -4.66
C LEU A 133 21.86 -17.87 -5.93
N LYS A 134 23.12 -18.30 -5.91
CA LYS A 134 24.01 -18.03 -7.01
C LYS A 134 23.53 -18.56 -8.39
N ASP A 135 22.82 -19.68 -8.39
CA ASP A 135 22.31 -20.31 -9.61
C ASP A 135 20.80 -20.09 -9.81
N TRP A 136 20.26 -19.04 -9.18
CA TRP A 136 18.83 -18.74 -9.27
C TRP A 136 18.65 -17.63 -10.30
N LYS A 137 17.43 -17.51 -10.85
CA LYS A 137 17.20 -16.60 -11.96
C LYS A 137 15.94 -15.78 -11.63
N LEU A 138 16.05 -14.48 -11.73
CA LEU A 138 14.90 -13.55 -11.62
C LEU A 138 14.23 -13.43 -12.99
N VAL A 139 12.97 -13.87 -13.09
CA VAL A 139 12.20 -13.81 -14.37
C VAL A 139 11.13 -12.74 -14.33
N PRO A 140 11.40 -11.60 -14.99
CA PRO A 140 10.39 -10.54 -15.00
C PRO A 140 9.19 -10.92 -15.84
N SER A 141 8.04 -10.31 -15.54
CA SER A 141 6.89 -10.41 -16.44
C SER A 141 6.05 -9.14 -16.26
N SER A 142 4.99 -9.26 -15.48
CA SER A 142 4.15 -8.07 -15.09
C SER A 142 3.40 -8.42 -13.83
N SER A 143 2.76 -7.44 -13.20
CA SER A 143 2.08 -7.75 -11.96
C SER A 143 0.96 -8.72 -12.22
N GLY A 144 0.18 -8.46 -13.28
CA GLY A 144 -0.90 -9.38 -13.68
C GLY A 144 -0.41 -10.80 -14.00
N ALA A 145 0.64 -10.92 -14.80
CA ALA A 145 1.16 -12.25 -15.12
C ALA A 145 1.62 -13.00 -13.85
N MET A 146 2.20 -12.27 -12.91
CA MET A 146 2.71 -12.88 -11.67
C MET A 146 1.54 -13.43 -10.84
N THR A 147 0.46 -12.66 -10.73
CA THR A 147 -0.64 -13.13 -9.89
C THR A 147 -1.39 -14.28 -10.56
N VAL A 148 -1.45 -14.27 -11.89
CA VAL A 148 -2.02 -15.43 -12.62
C VAL A 148 -1.18 -16.67 -12.31
N ALA A 149 0.14 -16.53 -12.35
CA ALA A 149 1.06 -17.65 -12.14
C ALA A 149 0.95 -18.17 -10.70
N LEU A 150 0.79 -17.23 -9.77
CA LEU A 150 0.59 -17.59 -8.36
C LEU A 150 -0.66 -18.45 -8.18
N GLY A 151 -1.74 -18.03 -8.84
CA GLY A 151 -3.01 -18.72 -8.72
C GLY A 151 -2.89 -20.14 -9.25
N GLU A 152 -2.26 -20.30 -10.41
CA GLU A 152 -2.17 -21.62 -11.04
C GLU A 152 -1.29 -22.56 -10.21
N ALA A 153 -0.21 -22.03 -9.67
CA ALA A 153 0.67 -22.80 -8.80
C ALA A 153 -0.07 -23.30 -7.58
N ILE A 154 -0.85 -22.43 -6.97
CA ILE A 154 -1.50 -22.81 -5.72
C ILE A 154 -2.58 -23.87 -5.97
N LYS A 155 -3.25 -23.71 -7.11
CA LYS A 155 -4.28 -24.63 -7.60
C LYS A 155 -3.74 -26.03 -7.75
N GLN A 156 -2.48 -26.16 -8.19
CA GLN A 156 -1.82 -27.44 -8.42
C GLN A 156 -0.85 -27.79 -7.29
N HIS A 157 -0.92 -27.07 -6.17
CA HIS A 157 0.03 -27.31 -5.06
C HIS A 157 1.48 -27.34 -5.51
N LYS A 158 1.82 -26.47 -6.47
CA LYS A 158 3.20 -26.36 -6.94
C LYS A 158 4.02 -25.34 -6.14
N ASP A 159 5.34 -25.51 -6.11
CA ASP A 159 6.28 -24.55 -5.54
C ASP A 159 6.32 -23.28 -6.40
N ILE A 160 6.35 -22.11 -5.75
CA ILE A 160 6.60 -20.88 -6.47
C ILE A 160 7.17 -19.88 -5.45
N VAL A 161 8.06 -19.02 -5.91
CA VAL A 161 8.64 -17.98 -5.07
C VAL A 161 8.36 -16.68 -5.85
N ILE A 162 7.57 -15.77 -5.32
CA ILE A 162 7.31 -14.51 -6.03
C ILE A 162 7.91 -13.24 -5.41
N THR A 163 8.09 -12.20 -6.21
CA THR A 163 8.39 -10.86 -5.69
C THR A 163 7.04 -10.30 -5.16
N GLY A 164 6.78 -10.46 -3.87
CA GLY A 164 5.56 -9.99 -3.27
C GLY A 164 5.69 -8.61 -2.60
N TRP A 165 4.54 -7.98 -2.29
CA TRP A 165 4.53 -6.69 -1.59
C TRP A 165 3.21 -6.60 -0.85
N SER A 166 3.15 -5.76 0.18
CA SER A 166 1.95 -5.61 1.01
C SER A 166 1.81 -4.13 1.26
N PRO A 167 0.59 -3.66 1.40
CA PRO A 167 -0.65 -4.47 1.35
C PRO A 167 -1.01 -4.91 -0.05
N HIS A 168 -1.58 -6.11 -0.19
CA HIS A 168 -2.01 -6.56 -1.52
C HIS A 168 -3.07 -7.64 -1.31
N TRP A 169 -4.10 -7.64 -2.16
CA TRP A 169 -5.19 -8.58 -1.97
C TRP A 169 -4.77 -10.06 -2.02
N MET A 170 -3.63 -10.37 -2.63
CA MET A 170 -3.22 -11.80 -2.72
C MET A 170 -3.03 -12.44 -1.34
N PHE A 171 -2.66 -11.64 -0.34
CA PHE A 171 -2.50 -12.17 1.02
C PHE A 171 -3.83 -12.49 1.69
N ASN A 172 -4.91 -11.88 1.18
CA ASN A 172 -6.25 -12.23 1.66
C ASN A 172 -6.84 -13.40 0.84
N LYS A 173 -6.64 -13.40 -0.48
CA LYS A 173 -7.13 -14.48 -1.35
C LYS A 173 -6.48 -15.84 -1.02
N TYR A 174 -5.17 -15.82 -0.82
CA TYR A 174 -4.39 -17.05 -0.59
C TYR A 174 -3.70 -17.00 0.77
N ASP A 175 -3.19 -18.16 1.18
CA ASP A 175 -2.47 -18.30 2.44
C ASP A 175 -0.97 -18.29 2.11
N LEU A 176 -0.34 -17.13 2.32
CA LEU A 176 1.04 -16.91 1.86
C LEU A 176 1.91 -16.51 3.03
N LYS A 177 3.23 -16.51 2.84
CA LYS A 177 4.13 -15.97 3.86
C LYS A 177 5.38 -15.33 3.23
N TYR A 178 5.91 -14.32 3.91
CA TYR A 178 7.18 -13.74 3.52
C TYR A 178 8.29 -14.61 4.04
N LEU A 179 9.32 -14.78 3.23
CA LEU A 179 10.53 -15.49 3.66
C LEU A 179 11.36 -14.47 4.46
N ALA A 180 11.91 -14.88 5.60
CA ALA A 180 12.81 -14.05 6.40
C ALA A 180 13.98 -13.58 5.58
N ASP A 181 14.43 -12.35 5.86
CA ASP A 181 15.48 -11.71 5.11
C ASP A 181 16.61 -11.21 6.03
N PRO A 182 17.39 -12.13 6.61
CA PRO A 182 18.34 -11.74 7.66
C PRO A 182 19.42 -10.78 7.13
N LYS A 183 19.73 -10.77 5.84
CA LYS A 183 20.70 -9.79 5.33
C LYS A 183 20.06 -8.43 5.05
N GLY A 184 18.73 -8.39 5.10
CA GLY A 184 18.02 -7.14 4.89
C GLY A 184 18.04 -6.60 3.47
N THR A 185 18.44 -7.40 2.48
CA THR A 185 18.54 -6.87 1.10
C THR A 185 17.17 -6.62 0.43
N MET A 186 16.09 -7.14 1.03
CA MET A 186 14.76 -6.84 0.46
C MET A 186 14.20 -5.58 1.14
N GLY A 187 14.99 -4.94 1.98
CA GLY A 187 14.60 -3.66 2.56
C GLY A 187 13.87 -3.75 3.88
N THR A 188 13.54 -2.57 4.42
CA THR A 188 12.75 -2.44 5.63
C THR A 188 11.34 -1.95 5.25
N SER A 189 10.48 -1.82 6.24
CA SER A 189 9.09 -1.49 6.00
C SER A 189 8.88 0.02 5.80
N GLU A 190 7.73 0.38 5.22
CA GLU A 190 7.35 1.79 5.04
C GLU A 190 6.03 1.95 5.69
N ASN A 191 5.63 3.21 5.92
CA ASN A 191 4.27 3.50 6.33
C ASN A 191 3.61 4.41 5.29
N ILE A 192 2.28 4.33 5.20
CA ILE A 192 1.53 5.27 4.42
C ILE A 192 1.07 6.37 5.38
N ASN A 193 1.27 7.63 4.99
CA ASN A 193 1.11 8.74 5.86
C ASN A 193 0.09 9.72 5.34
N THR A 194 -0.34 10.58 6.24
CA THR A 194 -1.28 11.64 5.92
C THR A 194 -0.53 12.97 5.94
N ILE A 195 -0.68 13.74 4.85
CA ILE A 195 -0.16 15.12 4.81
C ILE A 195 -1.26 16.09 4.48
N VAL A 196 -1.22 17.27 5.09
CA VAL A 196 -2.20 18.31 4.84
C VAL A 196 -1.53 19.66 4.52
N ARG A 197 -2.28 20.57 3.88
CA ARG A 197 -1.73 21.89 3.62
C ARG A 197 -1.52 22.61 4.95
N LYS A 198 -0.49 23.47 5.01
CA LYS A 198 -0.16 24.16 6.26
C LYS A 198 -1.34 25.00 6.82
N GLY A 199 -2.11 25.66 5.98
CA GLY A 199 -3.19 26.45 6.61
C GLY A 199 -4.37 25.67 7.20
N LEU A 200 -4.39 24.34 7.02
CA LEU A 200 -5.60 23.60 7.36
C LEU A 200 -6.03 23.64 8.82
N LYS A 201 -5.07 23.43 9.73
CA LYS A 201 -5.40 23.34 11.15
C LYS A 201 -6.20 24.56 11.59
N LYS A 202 -5.82 25.73 11.07
CA LYS A 202 -6.48 26.98 11.45
C LYS A 202 -7.77 27.23 10.65
N GLU A 203 -7.70 26.99 9.34
CA GLU A 203 -8.77 27.38 8.43
C GLU A 203 -9.89 26.36 8.33
N ASN A 204 -9.57 25.08 8.56
CA ASN A 204 -10.57 24.04 8.45
C ASN A 204 -10.32 22.99 9.53
N PRO A 205 -10.57 23.36 10.82
CA PRO A 205 -10.25 22.46 11.91
C PRO A 205 -11.06 21.15 11.85
N GLU A 206 -12.28 21.19 11.31
CA GLU A 206 -13.14 20.00 11.17
C GLU A 206 -12.48 18.93 10.31
N ALA A 207 -12.06 19.31 9.10
CA ALA A 207 -11.34 18.35 8.25
C ALA A 207 -10.01 17.94 8.88
N TYR A 208 -9.29 18.90 9.44
CA TYR A 208 -7.96 18.61 9.98
C TYR A 208 -8.02 17.48 11.04
N LYS A 209 -8.98 17.57 11.94
CA LYS A 209 -9.12 16.61 13.02
C LYS A 209 -9.38 15.20 12.48
N VAL A 210 -10.21 15.08 11.46
CA VAL A 210 -10.45 13.80 10.84
C VAL A 210 -9.19 13.24 10.16
N LEU A 211 -8.49 14.09 9.39
CA LEU A 211 -7.30 13.59 8.70
C LEU A 211 -6.23 13.19 9.72
N ASP A 212 -6.20 13.88 10.85
CA ASP A 212 -5.21 13.62 11.89
C ASP A 212 -5.41 12.24 12.50
N LYS A 213 -6.67 11.78 12.56
CA LYS A 213 -6.99 10.57 13.26
C LYS A 213 -7.17 9.36 12.37
N PHE A 214 -7.35 9.59 11.06
CA PHE A 214 -7.60 8.51 10.10
C PHE A 214 -6.52 7.47 10.23
N ASN A 215 -6.90 6.20 10.37
CA ASN A 215 -5.91 5.13 10.43
C ASN A 215 -6.58 3.74 10.25
N TRP A 216 -5.88 2.79 9.63
CA TRP A 216 -6.39 1.43 9.56
C TRP A 216 -5.20 0.53 9.30
N THR A 217 -5.43 -0.76 9.09
CA THR A 217 -4.31 -1.71 9.08
C THR A 217 -4.14 -2.36 7.72
N THR A 218 -3.02 -3.03 7.54
CA THR A 218 -2.76 -3.76 6.29
C THR A 218 -3.90 -4.75 6.00
N LYS A 219 -4.36 -5.49 7.01
CA LYS A 219 -5.49 -6.44 6.77
C LYS A 219 -6.80 -5.79 6.36
N ASP A 220 -7.08 -4.59 6.88
CA ASP A 220 -8.26 -3.85 6.46
C ASP A 220 -8.15 -3.48 4.99
N MET A 221 -7.01 -2.86 4.63
CA MET A 221 -6.81 -2.51 3.24
C MET A 221 -6.89 -3.73 2.33
N GLU A 222 -6.32 -4.85 2.74
CA GLU A 222 -6.32 -6.02 1.87
C GLU A 222 -7.74 -6.56 1.66
N ALA A 223 -8.59 -6.47 2.67
CA ALA A 223 -9.97 -6.90 2.56
C ALA A 223 -10.73 -6.03 1.55
N VAL A 224 -10.63 -4.71 1.68
CA VAL A 224 -11.24 -3.82 0.68
C VAL A 224 -10.66 -4.09 -0.73
N MET A 225 -9.34 -4.25 -0.81
CA MET A 225 -8.73 -4.45 -2.12
C MET A 225 -9.23 -5.75 -2.78
N LEU A 226 -9.43 -6.82 -1.99
CA LEU A 226 -9.93 -8.09 -2.56
C LEU A 226 -11.37 -7.94 -3.05
N ASP A 227 -12.23 -7.27 -2.29
CA ASP A 227 -13.59 -6.99 -2.80
C ASP A 227 -13.58 -6.30 -4.18
N ILE A 228 -12.71 -5.30 -4.34
CA ILE A 228 -12.64 -4.56 -5.60
C ILE A 228 -12.08 -5.48 -6.68
N GLN A 229 -11.04 -6.22 -6.35
CA GLN A 229 -10.45 -7.15 -7.32
C GLN A 229 -11.52 -8.19 -7.79
N ASN A 230 -12.48 -8.49 -6.94
CA ASN A 230 -13.53 -9.44 -7.23
C ASN A 230 -14.80 -8.81 -7.84
N GLY A 231 -14.78 -7.51 -8.12
CA GLY A 231 -15.90 -6.96 -8.88
C GLY A 231 -16.75 -5.95 -8.15
N LYS A 232 -16.58 -5.78 -6.85
CA LYS A 232 -17.38 -4.75 -6.17
C LYS A 232 -16.90 -3.37 -6.56
N THR A 233 -17.80 -2.41 -6.70
CA THR A 233 -17.33 -1.05 -6.93
C THR A 233 -16.53 -0.60 -5.66
N PRO A 234 -15.56 0.29 -5.84
CA PRO A 234 -14.82 0.81 -4.68
C PRO A 234 -15.75 1.44 -3.64
N GLU A 235 -16.80 2.13 -4.07
CA GLU A 235 -17.77 2.70 -3.12
C GLU A 235 -18.45 1.62 -2.30
N GLU A 236 -18.90 0.53 -2.94
CA GLU A 236 -19.55 -0.54 -2.17
C GLU A 236 -18.58 -1.34 -1.31
N ALA A 237 -17.39 -1.66 -1.82
CA ALA A 237 -16.34 -2.29 -1.00
C ALA A 237 -16.07 -1.46 0.29
N ALA A 238 -16.00 -0.15 0.13
CA ALA A 238 -15.70 0.75 1.24
C ALA A 238 -16.87 0.76 2.25
N LYS A 239 -18.09 0.84 1.75
CA LYS A 239 -19.27 0.94 2.62
C LYS A 239 -19.35 -0.35 3.41
N ASN A 240 -19.06 -1.48 2.76
CA ASN A 240 -19.13 -2.76 3.45
C ASN A 240 -18.09 -2.84 4.54
N TRP A 241 -16.86 -2.40 4.24
CA TRP A 241 -15.81 -2.44 5.25
C TRP A 241 -16.24 -1.53 6.42
N ILE A 242 -16.79 -0.36 6.11
CA ILE A 242 -17.12 0.61 7.17
C ILE A 242 -18.17 0.00 8.10
N LYS A 243 -19.16 -0.60 7.49
CA LYS A 243 -20.26 -1.24 8.24
C LYS A 243 -19.73 -2.24 9.28
N ASP A 244 -18.76 -3.05 8.86
CA ASP A 244 -18.20 -4.07 9.74
C ASP A 244 -17.19 -3.51 10.76
N HIS A 245 -16.84 -2.23 10.67
CA HIS A 245 -15.80 -1.68 11.54
C HIS A 245 -16.26 -0.34 12.03
N GLN A 246 -17.54 -0.26 12.34
CA GLN A 246 -18.16 1.01 12.58
C GLN A 246 -17.47 1.69 13.75
N LYS A 247 -17.14 0.93 14.78
CA LYS A 247 -16.57 1.53 16.00
C LYS A 247 -15.24 2.22 15.68
N GLU A 248 -14.45 1.55 14.84
CA GLU A 248 -13.12 2.04 14.44
C GLU A 248 -13.26 3.30 13.61
N VAL A 249 -14.21 3.30 12.67
CA VAL A 249 -14.43 4.44 11.81
C VAL A 249 -14.91 5.65 12.62
N ASP A 250 -15.88 5.44 13.50
CA ASP A 250 -16.41 6.58 14.24
C ASP A 250 -15.30 7.31 15.07
N LYS A 251 -14.24 6.60 15.43
CA LYS A 251 -13.13 7.21 16.19
C LYS A 251 -12.45 8.37 15.50
N TRP A 252 -12.45 8.36 14.16
CA TRP A 252 -11.85 9.43 13.37
C TRP A 252 -12.63 10.75 13.48
N PHE A 253 -13.85 10.72 14.03
CA PHE A 253 -14.71 11.92 13.95
C PHE A 253 -15.00 12.52 15.34
N LYS A 254 -14.32 12.01 16.36
CA LYS A 254 -14.51 12.52 17.72
C LYS A 254 -13.25 12.47 18.58
N GLY A 255 -13.28 13.18 19.69
CA GLY A 255 -12.16 13.20 20.63
C GLY A 255 -11.15 14.30 20.35
N SER A 256 -10.40 14.66 21.40
CA SER A 256 -9.35 15.67 21.32
C SER A 256 -8.30 15.33 20.23
#